data_7EX4
#
_entry.id   7EX4
#
_cell.length_a   40.933
_cell.length_b   70.566
_cell.length_c   70.882
_cell.angle_alpha   90.000
_cell.angle_beta   90.000
_cell.angle_gamma   90.000
#
_symmetry.space_group_name_H-M   'P 21 21 21'
#
loop_
_entity.id
_entity.type
_entity.pdbx_description
1 polymer Replicase
2 non-polymer 'MANGANESE (II) ION'
3 non-polymer 'methyl (Z)-4-(1-(3-bromobenzyl)-4-(4-chlorobenzyl)piperidin-4-yl)-2-hydroxy-4-oxobut-2-enoate'
4 non-polymer 'CHLORIDE ION'
5 water water
#
_entity_poly.entity_id   1
_entity_poly.type   'polypeptide(L)'
_entity_poly.pdbx_seq_one_letter_code
;MGSSHHHHHHSSGLVPRGSHMASMTGGQQMGRGSEFMEDPMYEQFLQRIQAVRTATVAKDISADILEARHDYFGRELCRA
LDIEYRNNVLLDEIILDVYPGVNLMEYNVPHVTPDNYIWTGDMLLILDYKVSVGHDSTEVTYKKYTTLILPVMQEIGINT
EICIIRANPVTNQISIVGEQFKRLFPTIPVELNFARFFELRKMLLDKFADDEEFLMMIA
;
_entity_poly.pdbx_strand_id   A
#
# COMPACT_ATOMS: atom_id res chain seq x y z
N ASP A 39 22.65 -3.78 1.16
CA ASP A 39 21.23 -3.47 1.35
C ASP A 39 20.94 -3.02 2.80
N PRO A 40 21.09 -1.71 3.04
CA PRO A 40 20.96 -1.19 4.41
C PRO A 40 19.57 -1.36 5.00
N MET A 41 18.55 -1.55 4.16
CA MET A 41 17.23 -1.89 4.66
C MET A 41 17.23 -3.28 5.30
N TYR A 42 17.75 -4.28 4.58
CA TYR A 42 17.85 -5.63 5.13
C TYR A 42 18.69 -5.62 6.40
N GLU A 43 19.85 -4.94 6.35
CA GLU A 43 20.77 -4.99 7.48
C GLU A 43 20.16 -4.35 8.71
N GLN A 44 19.35 -3.30 8.52
CA GLN A 44 18.70 -2.62 9.64
C GLN A 44 17.72 -3.55 10.35
N PHE A 45 16.89 -4.27 9.58
CA PHE A 45 16.01 -5.26 10.20
C PHE A 45 16.82 -6.35 10.90
N LEU A 46 17.81 -6.92 10.21
CA LEU A 46 18.62 -7.97 10.82
C LEU A 46 19.17 -7.53 12.17
N GLN A 47 19.72 -6.31 12.24
CA GLN A 47 20.24 -5.80 13.51
C GLN A 47 19.17 -5.79 14.59
N ARG A 48 17.96 -5.35 14.24
CA ARG A 48 16.86 -5.31 15.21
C ARG A 48 16.46 -6.71 15.65
N ILE A 49 16.43 -7.66 14.71
CA ILE A 49 16.08 -9.03 15.04
C ILE A 49 17.14 -9.66 15.93
N GLN A 50 18.43 -9.35 15.67
CA GLN A 50 19.51 -9.87 16.50
C GLN A 50 19.35 -9.44 17.95
N ALA A 51 18.89 -8.20 18.18
CA ALA A 51 18.88 -7.64 19.53
C ALA A 51 17.56 -7.81 20.28
N VAL A 52 16.44 -8.06 19.59
CA VAL A 52 15.14 -7.98 20.26
C VAL A 52 14.99 -9.10 21.29
N ARG A 53 14.46 -8.74 22.47
CA ARG A 53 14.23 -9.68 23.57
C ARG A 53 12.78 -9.82 24.01
N THR A 54 11.86 -8.94 23.56
CA THR A 54 10.49 -8.92 24.05
C THR A 54 9.51 -8.99 22.90
N ALA A 55 8.34 -9.59 23.19
CA ALA A 55 7.30 -9.77 22.18
C ALA A 55 6.83 -8.45 21.59
N THR A 56 6.70 -7.40 22.42
CA THR A 56 6.18 -6.11 21.95
C THR A 56 7.11 -5.47 20.93
N VAL A 57 8.41 -5.47 21.20
CA VAL A 57 9.37 -4.94 20.22
C VAL A 57 9.41 -5.85 18.99
N ALA A 58 9.25 -7.16 19.20
CA ALA A 58 9.22 -8.10 18.09
C ALA A 58 8.00 -7.87 17.21
N LYS A 59 6.82 -7.70 17.81
CA LYS A 59 5.61 -7.39 17.05
C LYS A 59 5.81 -6.17 16.17
N ASP A 60 6.45 -5.12 16.71
CA ASP A 60 6.70 -3.93 15.90
C ASP A 60 7.68 -4.21 14.75
N ILE A 61 8.70 -5.04 14.98
CA ILE A 61 9.58 -5.41 13.87
C ILE A 61 8.78 -6.11 12.78
N SER A 62 7.97 -7.10 13.17
CA SER A 62 7.14 -7.83 12.20
C SER A 62 6.28 -6.87 11.40
N ALA A 63 5.60 -5.95 12.08
CA ALA A 63 4.73 -5.00 11.39
C ALA A 63 5.55 -4.12 10.45
N ASP A 64 6.74 -3.69 10.89
CA ASP A 64 7.63 -2.89 10.07
C ASP A 64 8.09 -3.65 8.83
N ILE A 65 8.37 -4.96 8.97
CA ILE A 65 8.77 -5.74 7.80
C ILE A 65 7.61 -5.82 6.80
N LEU A 66 6.40 -6.07 7.31
CA LEU A 66 5.25 -6.12 6.42
C LEU A 66 5.03 -4.77 5.74
N GLU A 67 5.21 -3.67 6.48
CA GLU A 67 5.06 -2.37 5.83
C GLU A 67 6.17 -2.13 4.82
N ALA A 68 7.38 -2.58 5.12
CA ALA A 68 8.50 -2.38 4.20
C ALA A 68 8.31 -3.13 2.88
N ARG A 69 7.76 -4.35 2.92
CA ARG A 69 7.61 -5.06 1.66
C ARG A 69 6.47 -4.47 0.85
N HIS A 70 5.47 -3.92 1.54
CA HIS A 70 4.45 -3.11 0.89
C HIS A 70 5.08 -1.93 0.15
N ASP A 71 5.93 -1.15 0.83
CA ASP A 71 6.50 0.04 0.17
C ASP A 71 7.46 -0.36 -0.94
N TYR A 72 8.19 -1.47 -0.74
CA TYR A 72 9.02 -2.02 -1.80
C TYR A 72 8.18 -2.30 -3.05
N PHE A 73 7.02 -2.93 -2.89
CA PHE A 73 6.22 -3.23 -4.07
C PHE A 73 5.73 -1.94 -4.74
N GLY A 74 5.32 -0.95 -3.94
CA GLY A 74 4.85 0.30 -4.53
C GLY A 74 5.93 1.02 -5.32
N ARG A 75 7.15 1.09 -4.78
CA ARG A 75 8.24 1.69 -5.53
C ARG A 75 8.49 0.94 -6.83
N GLU A 76 8.54 -0.39 -6.77
CA GLU A 76 8.83 -1.16 -7.97
C GLU A 76 7.73 -1.00 -9.00
N LEU A 77 6.47 -1.01 -8.55
CA LEU A 77 5.34 -0.82 -9.46
C LEU A 77 5.39 0.55 -10.13
N CYS A 78 5.59 1.62 -9.35
CA CYS A 78 5.64 2.94 -9.95
C CYS A 78 6.81 3.07 -10.90
N ARG A 79 7.95 2.46 -10.55
CA ARG A 79 9.09 2.48 -11.47
C ARG A 79 8.75 1.79 -12.78
N ALA A 80 8.14 0.60 -12.71
CA ALA A 80 7.83 -0.15 -13.92
C ALA A 80 6.82 0.57 -14.81
N LEU A 81 5.87 1.28 -14.20
CA LEU A 81 4.90 2.02 -14.99
C LEU A 81 5.31 3.46 -15.25
N ASP A 82 6.51 3.86 -14.81
CA ASP A 82 7.05 5.22 -14.97
C ASP A 82 6.02 6.28 -14.57
N ILE A 83 5.40 6.06 -13.42
CA ILE A 83 4.47 7.01 -12.85
C ILE A 83 5.09 7.50 -11.54
N GLU A 84 4.59 8.62 -11.04
CA GLU A 84 5.19 9.24 -9.87
C GLU A 84 4.99 8.34 -8.65
N TYR A 85 6.06 8.13 -7.87
CA TYR A 85 5.98 7.34 -6.66
C TYR A 85 5.52 8.20 -5.48
N ARG A 86 4.41 7.81 -4.86
CA ARG A 86 3.92 8.44 -3.64
C ARG A 86 3.51 7.32 -2.71
N ASN A 87 3.44 7.63 -1.42
CA ASN A 87 3.04 6.63 -0.45
C ASN A 87 2.30 7.37 0.67
N ASN A 88 0.98 7.49 0.52
CA ASN A 88 0.05 8.11 1.45
C ASN A 88 -0.06 9.59 1.17
N VAL A 89 -1.04 9.95 0.35
CA VAL A 89 -1.36 11.34 0.12
C VAL A 89 -2.72 11.67 0.71
N LEU A 90 -2.75 12.68 1.58
CA LEU A 90 -4.01 13.20 2.11
C LEU A 90 -4.96 13.52 0.95
N LEU A 91 -6.20 13.06 1.07
CA LEU A 91 -7.18 13.30 0.01
C LEU A 91 -7.32 14.79 -0.31
N ASP A 92 -7.30 15.67 0.71
CA ASP A 92 -7.40 17.10 0.44
C ASP A 92 -6.29 17.55 -0.49
N GLU A 93 -5.09 17.02 -0.28
CA GLU A 93 -3.94 17.39 -1.13
C GLU A 93 -4.12 16.91 -2.56
N ILE A 94 -4.65 15.68 -2.74
CA ILE A 94 -4.96 15.21 -4.10
C ILE A 94 -5.93 16.18 -4.78
N ILE A 95 -7.03 16.52 -4.09
CA ILE A 95 -8.04 17.40 -4.67
C ILE A 95 -7.41 18.73 -5.09
N LEU A 96 -6.58 19.31 -4.22
CA LEU A 96 -5.94 20.59 -4.53
C LEU A 96 -5.01 20.47 -5.73
N ASP A 97 -4.37 19.31 -5.92
CA ASP A 97 -3.52 19.12 -7.10
C ASP A 97 -4.34 19.06 -8.39
N VAL A 98 -5.46 18.35 -8.38
CA VAL A 98 -6.24 18.20 -9.60
C VAL A 98 -7.14 19.40 -9.85
N TYR A 99 -7.57 20.08 -8.79
CA TYR A 99 -8.53 21.19 -8.89
C TYR A 99 -8.05 22.31 -7.99
N PRO A 100 -7.04 23.07 -8.43
CA PRO A 100 -6.47 24.10 -7.56
C PRO A 100 -7.47 25.13 -7.10
N GLY A 101 -8.47 25.45 -7.93
CA GLY A 101 -9.43 26.47 -7.55
C GLY A 101 -10.48 26.07 -6.53
N VAL A 102 -10.42 24.84 -6.03
CA VAL A 102 -11.46 24.33 -5.15
C VAL A 102 -11.47 25.11 -3.82
N ASN A 103 -12.66 25.25 -3.24
CA ASN A 103 -12.79 25.71 -1.86
C ASN A 103 -13.05 24.47 -1.00
N LEU A 104 -11.96 23.92 -0.46
CA LEU A 104 -11.99 22.81 0.48
C LEU A 104 -13.14 22.90 1.47
N MET A 105 -13.31 24.06 2.11
CA MET A 105 -14.30 24.20 3.16
C MET A 105 -15.73 24.08 2.67
N GLU A 106 -15.95 24.05 1.34
CA GLU A 106 -17.30 23.83 0.82
C GLU A 106 -17.72 22.37 0.88
N TYR A 107 -16.84 21.44 1.25
CA TYR A 107 -17.14 20.02 1.14
C TYR A 107 -16.68 19.29 2.39
N ASN A 108 -17.28 18.13 2.62
CA ASN A 108 -16.87 17.25 3.71
C ASN A 108 -15.88 16.27 3.10
N VAL A 109 -14.59 16.55 3.26
CA VAL A 109 -13.53 15.71 2.69
C VAL A 109 -13.07 14.75 3.79
N PRO A 110 -13.28 13.45 3.65
CA PRO A 110 -12.63 12.52 4.58
C PRO A 110 -11.12 12.60 4.42
N HIS A 111 -10.42 12.68 5.55
CA HIS A 111 -8.98 12.84 5.54
C HIS A 111 -8.26 11.50 5.40
N VAL A 112 -8.64 10.71 4.39
CA VAL A 112 -7.96 9.46 4.10
C VAL A 112 -6.66 9.73 3.37
N THR A 113 -5.74 8.77 3.41
CA THR A 113 -4.45 8.90 2.73
C THR A 113 -4.21 7.68 1.86
N PRO A 114 -4.86 7.61 0.70
CA PRO A 114 -4.50 6.56 -0.27
C PRO A 114 -3.03 6.65 -0.61
N ASP A 115 -2.45 5.51 -1.01
CA ASP A 115 -1.01 5.44 -1.28
C ASP A 115 -0.59 6.45 -2.32
N ASN A 116 -1.38 6.63 -3.38
CA ASN A 116 -0.87 7.32 -4.55
C ASN A 116 -2.05 7.66 -5.46
N TYR A 117 -1.77 8.38 -6.54
CA TYR A 117 -2.81 8.70 -7.50
C TYR A 117 -2.19 9.02 -8.85
N ILE A 118 -3.03 8.97 -9.89
CA ILE A 118 -2.66 9.36 -11.24
C ILE A 118 -3.70 10.36 -11.73
N TRP A 119 -3.27 11.58 -12.04
CA TRP A 119 -4.16 12.59 -12.59
C TRP A 119 -3.80 12.71 -14.07
N THR A 120 -4.64 12.12 -14.92
CA THR A 120 -4.42 12.16 -16.36
C THR A 120 -4.76 13.52 -16.97
N GLY A 121 -5.49 14.37 -16.25
CA GLY A 121 -6.05 15.58 -16.80
C GLY A 121 -7.54 15.46 -17.09
N ASP A 122 -8.03 14.26 -17.37
CA ASP A 122 -9.46 14.01 -17.46
C ASP A 122 -9.99 13.11 -16.38
N MET A 123 -9.12 12.31 -15.75
CA MET A 123 -9.58 11.27 -14.83
C MET A 123 -8.60 11.12 -13.68
N LEU A 124 -9.13 10.83 -12.49
CA LEU A 124 -8.33 10.63 -11.29
C LEU A 124 -8.37 9.17 -10.87
N LEU A 125 -7.27 8.45 -11.04
CA LEU A 125 -7.15 7.10 -10.51
C LEU A 125 -6.52 7.18 -9.13
N ILE A 126 -7.29 6.82 -8.11
CA ILE A 126 -6.75 6.62 -6.77
C ILE A 126 -6.10 5.24 -6.71
N LEU A 127 -4.85 5.20 -6.31
CA LEU A 127 -4.08 3.96 -6.28
C LEU A 127 -3.82 3.55 -4.83
N ASP A 128 -3.99 2.25 -4.55
CA ASP A 128 -3.43 1.72 -3.32
C ASP A 128 -2.72 0.40 -3.58
N TYR A 129 -1.51 0.27 -3.04
CA TYR A 129 -0.74 -0.96 -3.15
C TYR A 129 -1.19 -1.95 -2.08
N LYS A 130 -1.05 -3.22 -2.40
CA LYS A 130 -1.23 -4.30 -1.43
C LYS A 130 -0.21 -5.40 -1.74
N VAL A 131 0.32 -6.01 -0.69
CA VAL A 131 1.09 -7.23 -0.83
C VAL A 131 0.46 -8.24 0.12
N SER A 132 -0.13 -9.28 -0.45
CA SER A 132 -0.88 -10.26 0.31
C SER A 132 -1.13 -11.48 -0.57
N VAL A 133 -1.19 -12.65 0.05
CA VAL A 133 -1.58 -13.87 -0.66
C VAL A 133 -3.08 -13.99 -0.85
N GLY A 134 -3.87 -13.17 -0.14
CA GLY A 134 -5.31 -13.24 -0.18
C GLY A 134 -5.92 -11.90 -0.54
N HIS A 135 -7.26 -11.89 -0.60
CA HIS A 135 -8.05 -10.78 -1.14
C HIS A 135 -8.71 -9.92 -0.08
N ASP A 136 -8.67 -10.35 1.19
CA ASP A 136 -9.46 -9.67 2.21
C ASP A 136 -9.02 -8.22 2.38
N SER A 137 -7.71 -7.99 2.46
CA SER A 137 -7.24 -6.61 2.62
C SER A 137 -7.67 -5.75 1.45
N THR A 138 -7.70 -6.32 0.24
CA THR A 138 -8.15 -5.58 -0.94
C THR A 138 -9.62 -5.18 -0.82
N GLU A 139 -10.48 -6.14 -0.47
CA GLU A 139 -11.90 -5.88 -0.27
C GLU A 139 -12.12 -4.78 0.75
N VAL A 140 -11.44 -4.88 1.90
CA VAL A 140 -11.62 -3.90 2.97
C VAL A 140 -11.28 -2.51 2.48
N THR A 141 -10.15 -2.39 1.78
CA THR A 141 -9.76 -1.08 1.29
C THR A 141 -10.64 -0.62 0.13
N TYR A 142 -11.03 -1.56 -0.75
CA TYR A 142 -11.93 -1.18 -1.84
C TYR A 142 -13.22 -0.57 -1.29
N LYS A 143 -13.83 -1.25 -0.30
CA LYS A 143 -15.04 -0.73 0.34
C LYS A 143 -14.82 0.66 0.89
N LYS A 144 -13.72 0.83 1.65
CA LYS A 144 -13.46 2.09 2.34
C LYS A 144 -13.36 3.24 1.35
N TYR A 145 -12.47 3.12 0.36
CA TYR A 145 -12.26 4.22 -0.54
C TYR A 145 -13.43 4.43 -1.51
N THR A 146 -14.15 3.37 -1.86
CA THR A 146 -15.34 3.57 -2.68
C THR A 146 -16.35 4.44 -1.96
N THR A 147 -16.66 4.10 -0.71
CA THR A 147 -17.71 4.79 0.00
C THR A 147 -17.28 6.14 0.55
N LEU A 148 -15.99 6.34 0.76
CA LEU A 148 -15.53 7.60 1.35
C LEU A 148 -15.02 8.58 0.32
N ILE A 149 -14.42 8.12 -0.78
CA ILE A 149 -13.82 9.04 -1.75
C ILE A 149 -14.79 9.39 -2.86
N LEU A 150 -15.45 8.40 -3.44
CA LEU A 150 -16.30 8.67 -4.59
C LEU A 150 -17.38 9.72 -4.32
N PRO A 151 -18.11 9.70 -3.20
CA PRO A 151 -19.19 10.69 -3.06
C PRO A 151 -18.68 12.11 -3.14
N VAL A 152 -17.56 12.44 -2.48
CA VAL A 152 -17.10 13.82 -2.46
C VAL A 152 -16.48 14.20 -3.81
N MET A 153 -15.83 13.25 -4.49
CA MET A 153 -15.30 13.58 -5.81
C MET A 153 -16.42 13.84 -6.82
N GLN A 154 -17.58 13.20 -6.64
CA GLN A 154 -18.72 13.48 -7.52
C GLN A 154 -19.30 14.85 -7.24
N GLU A 155 -19.41 15.24 -5.96
CA GLU A 155 -19.82 16.61 -5.65
C GLU A 155 -18.87 17.62 -6.27
N ILE A 156 -17.56 17.40 -6.10
CA ILE A 156 -16.59 18.36 -6.64
C ILE A 156 -16.63 18.36 -8.16
N GLY A 157 -16.93 17.22 -8.77
CA GLY A 157 -16.93 17.10 -10.20
C GLY A 157 -15.69 16.50 -10.83
N ILE A 158 -14.98 15.63 -10.11
CA ILE A 158 -13.74 15.03 -10.61
C ILE A 158 -14.02 13.55 -10.87
N ASN A 159 -13.91 13.15 -12.13
CA ASN A 159 -14.12 11.76 -12.51
C ASN A 159 -13.05 10.86 -11.88
N THR A 160 -13.47 9.91 -11.05
CA THR A 160 -12.55 9.17 -10.20
C THR A 160 -12.79 7.66 -10.28
N GLU A 161 -11.70 6.89 -10.19
CA GLU A 161 -11.78 5.43 -10.12
C GLU A 161 -10.87 4.93 -8.99
N ILE A 162 -11.40 4.02 -8.17
CA ILE A 162 -10.64 3.42 -7.08
C ILE A 162 -9.85 2.23 -7.63
N CYS A 163 -8.52 2.27 -7.50
CA CYS A 163 -7.65 1.24 -8.05
C CYS A 163 -6.83 0.62 -6.92
N ILE A 164 -6.88 -0.70 -6.80
CA ILE A 164 -6.04 -1.43 -5.86
C ILE A 164 -5.22 -2.44 -6.64
N ILE A 165 -3.90 -2.38 -6.46
CA ILE A 165 -2.98 -3.26 -7.16
C ILE A 165 -2.33 -4.14 -6.10
N ARG A 166 -2.52 -5.44 -6.20
CA ARG A 166 -2.00 -6.37 -5.21
C ARG A 166 -0.92 -7.24 -5.81
N ALA A 167 0.20 -7.39 -5.10
CA ALA A 167 1.17 -8.42 -5.42
C ALA A 167 1.01 -9.57 -4.44
N ASN A 168 0.99 -10.78 -4.98
CA ASN A 168 1.10 -11.96 -4.14
C ASN A 168 2.59 -12.15 -3.81
N PRO A 169 3.00 -12.02 -2.54
CA PRO A 169 4.44 -12.04 -2.24
C PRO A 169 5.09 -13.41 -2.43
N VAL A 170 4.30 -14.47 -2.53
CA VAL A 170 4.84 -15.81 -2.72
C VAL A 170 5.05 -16.11 -4.20
N THR A 171 4.04 -15.81 -5.03
CA THR A 171 4.03 -16.15 -6.45
C THR A 171 4.43 -14.99 -7.35
N ASN A 172 4.48 -13.76 -6.83
CA ASN A 172 4.80 -12.55 -7.58
C ASN A 172 3.69 -12.11 -8.56
N GLN A 173 2.57 -12.81 -8.62
CA GLN A 173 1.53 -12.41 -9.58
C GLN A 173 0.84 -11.13 -9.11
N ILE A 174 0.46 -10.29 -10.08
CA ILE A 174 -0.20 -9.01 -9.82
C ILE A 174 -1.68 -9.13 -10.15
N SER A 175 -2.52 -8.63 -9.24
CA SER A 175 -3.97 -8.57 -9.40
C SER A 175 -4.40 -7.11 -9.28
N ILE A 176 -5.17 -6.63 -10.26
CA ILE A 176 -5.56 -5.22 -10.32
C ILE A 176 -7.07 -5.13 -10.34
N VAL A 177 -7.61 -4.26 -9.48
CA VAL A 177 -8.99 -3.80 -9.60
C VAL A 177 -8.96 -2.34 -10.02
N GLY A 178 -9.73 -2.01 -11.05
CA GLY A 178 -9.69 -0.70 -11.65
C GLY A 178 -9.64 -0.80 -13.16
N GLU A 179 -10.81 -0.73 -13.80
CA GLU A 179 -10.85 -1.01 -15.23
C GLU A 179 -10.02 0.01 -16.01
N GLN A 180 -10.04 1.28 -15.60
CA GLN A 180 -9.27 2.30 -16.32
C GLN A 180 -7.77 2.12 -16.14
N PHE A 181 -7.35 1.65 -14.97
CA PHE A 181 -5.94 1.38 -14.75
C PHE A 181 -5.42 0.29 -15.68
N LYS A 182 -6.14 -0.84 -15.74
CA LYS A 182 -5.77 -1.94 -16.64
C LYS A 182 -5.69 -1.45 -18.08
N ARG A 183 -6.60 -0.55 -18.45
CA ARG A 183 -6.59 0.04 -19.77
C ARG A 183 -5.34 0.84 -20.03
N LEU A 184 -4.91 1.63 -19.04
CA LEU A 184 -3.70 2.43 -19.19
C LEU A 184 -2.44 1.57 -19.14
N PHE A 185 -2.49 0.44 -18.45
CA PHE A 185 -1.30 -0.36 -18.18
C PHE A 185 -1.63 -1.82 -18.40
N PRO A 186 -1.78 -2.23 -19.66
CA PRO A 186 -2.18 -3.62 -19.95
C PRO A 186 -1.15 -4.65 -19.52
N THR A 187 0.12 -4.25 -19.37
CA THR A 187 1.15 -5.12 -18.82
C THR A 187 1.92 -4.37 -17.75
N ILE A 188 2.42 -5.12 -16.77
CA ILE A 188 3.14 -4.56 -15.62
C ILE A 188 4.51 -5.22 -15.54
N PRO A 189 5.52 -4.68 -16.20
CA PRO A 189 6.81 -5.39 -16.27
C PRO A 189 7.68 -5.19 -15.03
N VAL A 190 7.16 -5.63 -13.87
CA VAL A 190 7.90 -5.58 -12.60
C VAL A 190 8.80 -6.81 -12.49
N GLU A 191 9.89 -6.63 -11.77
CA GLU A 191 10.80 -7.71 -11.40
C GLU A 191 10.81 -7.72 -9.88
N LEU A 192 9.99 -8.58 -9.27
CA LEU A 192 9.77 -8.58 -7.84
C LEU A 192 10.51 -9.73 -7.18
N ASN A 193 11.11 -9.46 -6.02
CA ASN A 193 11.75 -10.48 -5.22
C ASN A 193 11.43 -10.18 -3.76
N PHE A 194 10.54 -10.95 -3.16
CA PHE A 194 10.16 -10.76 -1.77
C PHE A 194 10.91 -11.70 -0.81
N ALA A 195 11.95 -12.38 -1.27
CA ALA A 195 12.55 -13.46 -0.48
C ALA A 195 13.23 -12.93 0.77
N ARG A 196 13.86 -11.75 0.69
CA ARG A 196 14.54 -11.20 1.85
C ARG A 196 13.56 -10.78 2.94
N PHE A 197 12.37 -10.32 2.58
CA PHE A 197 11.36 -10.01 3.58
C PHE A 197 10.89 -11.28 4.28
N PHE A 198 10.73 -12.36 3.52
CA PHE A 198 10.36 -13.63 4.12
C PHE A 198 11.47 -14.13 5.05
N GLU A 199 12.72 -14.10 4.58
CA GLU A 199 13.85 -14.51 5.42
C GLU A 199 13.86 -13.76 6.75
N LEU A 200 13.79 -12.42 6.71
CA LEU A 200 13.85 -11.64 7.95
C LEU A 200 12.72 -12.02 8.89
N ARG A 201 11.48 -11.98 8.39
CA ARG A 201 10.32 -12.26 9.23
C ARG A 201 10.33 -13.69 9.76
N LYS A 202 10.83 -14.65 8.96
CA LYS A 202 10.93 -16.02 9.45
C LYS A 202 11.89 -16.13 10.64
N MET A 203 13.04 -15.45 10.56
CA MET A 203 13.98 -15.45 11.67
C MET A 203 13.34 -14.90 12.95
N LEU A 204 12.59 -13.81 12.81
CA LEU A 204 11.90 -13.22 13.96
C LEU A 204 10.88 -14.20 14.54
N LEU A 205 10.08 -14.85 13.67
CA LEU A 205 9.10 -15.82 14.17
C LEU A 205 9.79 -17.01 14.82
N ASP A 206 10.87 -17.51 14.21
CA ASP A 206 11.64 -18.58 14.84
C ASP A 206 12.14 -18.18 16.22
N LYS A 207 12.60 -16.93 16.38
CA LYS A 207 13.19 -16.51 17.64
C LYS A 207 12.15 -16.47 18.76
N PHE A 208 10.88 -16.29 18.40
CA PHE A 208 9.81 -16.16 19.39
C PHE A 208 8.80 -17.30 19.28
N ALA A 209 9.22 -18.47 18.79
CA ALA A 209 8.29 -19.56 18.57
C ALA A 209 7.75 -20.15 19.87
N ASP A 210 8.47 -20.02 20.99
CA ASP A 210 8.00 -20.53 22.27
C ASP A 210 7.47 -19.42 23.19
N ASP A 211 7.11 -18.27 22.61
CA ASP A 211 6.64 -17.11 23.38
C ASP A 211 5.15 -16.93 23.13
N GLU A 212 4.35 -17.31 24.13
CA GLU A 212 2.89 -17.22 24.00
C GLU A 212 2.45 -15.78 23.76
N GLU A 213 3.04 -14.82 24.46
CA GLU A 213 2.68 -13.42 24.31
C GLU A 213 2.83 -12.98 22.86
N PHE A 214 3.92 -13.38 22.21
CA PHE A 214 4.17 -12.94 20.83
C PHE A 214 3.20 -13.57 19.85
N LEU A 215 3.12 -14.91 19.86
CA LEU A 215 2.27 -15.62 18.89
C LEU A 215 0.82 -15.17 18.96
N MET A 216 0.44 -14.49 20.04
CA MET A 216 -0.85 -13.81 20.12
C MET A 216 -0.82 -12.49 19.37
N MET A 217 0.20 -11.66 19.61
CA MET A 217 0.24 -10.30 19.10
C MET A 217 0.29 -10.26 17.57
N ILE A 218 1.12 -11.10 16.97
CA ILE A 218 1.26 -11.06 15.50
C ILE A 218 0.01 -11.59 14.83
N ALA A 219 -0.40 -12.80 15.17
CA ALA A 219 -1.43 -13.53 14.44
C ALA A 219 -2.73 -12.75 14.24
#